data_7EVG
#
_entry.id   7EVG
#
_cell.length_a   40.102
_cell.length_b   94.184
_cell.length_c   100.755
_cell.angle_alpha   90.000
_cell.angle_beta   90.000
_cell.angle_gamma   90.000
#
_symmetry.space_group_name_H-M   'P 21 21 21'
#
loop_
_entity.id
_entity.type
_entity.pdbx_description
1 polymer 'Tubulin-like protein'
2 non-polymer 'PHOSPHATE ION'
3 water water
#
_entity_poly.entity_id   1
_entity_poly.type   'polypeptide(L)'
_entity_poly.pdbx_seq_one_letter_code
;GMPGREILVLHVGQGGNQIGYNFWKTICEEHNIDIRSNQRKSVEEDKVDYKSVFLVEAPDGFHPRALFIDLEPLAVEFLV
KEMKLGSFFSEDLMVLSYSGAHNVWSIGYQTGKKLIPVILEKIRDTMPETLQGFLIIHTLGGGTGSGFGSLLTETLKKEF
PGKGVLNFSVLPSEVNDVTLAPYNTVLSLNHLSRFSDLVVLFDNTALIRIVKDQLNYPVIKQFSDLNFLIGRVMASITAS
LRFPGPLNMDLMEMAHNLVALPETKFIIPSVAPLTKEESEMSTELDLVERCFDPTHYMVNCSGQGKTISSVLMFRGNIAI
ENAFSIMTDIKSNVAFAPGVHPDLGLKYGICESAPVDFDKEVTLLSNNTIISEVFNRVLERFDSLFNRDWYTSDYVNAGT
SKSNLKEARDNFDRIIKIYKEIEGSQ
;
_entity_poly.pdbx_strand_id   A
#
# COMPACT_ATOMS: atom_id res chain seq x y z
N GLY A 1 21.54 3.68 15.33
CA GLY A 1 21.39 4.20 13.98
C GLY A 1 21.27 5.71 13.96
N MET A 2 21.07 6.28 12.78
CA MET A 2 21.00 7.73 12.68
C MET A 2 19.57 8.21 12.82
N PRO A 3 19.35 9.31 13.56
CA PRO A 3 17.98 9.83 13.70
C PRO A 3 17.49 10.48 12.41
N GLY A 4 16.18 10.48 12.26
CA GLY A 4 15.56 11.10 11.10
C GLY A 4 14.98 10.06 10.15
N ARG A 5 13.96 10.47 9.40
CA ARG A 5 13.32 9.64 8.39
C ARG A 5 12.73 8.36 8.99
N GLU A 6 12.32 8.41 10.24
CA GLU A 6 11.72 7.26 10.91
C GLU A 6 10.22 7.20 10.59
N ILE A 7 9.75 6.01 10.24
CA ILE A 7 8.36 5.80 9.84
C ILE A 7 7.73 4.80 10.80
N LEU A 8 6.48 5.09 11.20
CA LEU A 8 5.68 4.17 12.02
C LEU A 8 4.62 3.54 11.14
N VAL A 9 4.66 2.22 11.01
CA VAL A 9 3.71 1.48 10.19
C VAL A 9 2.54 1.04 11.05
N LEU A 10 1.32 1.18 10.52
CA LEU A 10 0.12 0.80 11.25
C LEU A 10 -0.67 -0.21 10.42
N HIS A 11 -0.61 -1.47 10.83
CA HIS A 11 -1.41 -2.54 10.22
C HIS A 11 -2.77 -2.58 10.91
N VAL A 12 -3.83 -2.35 10.14
CA VAL A 12 -5.18 -2.28 10.66
C VAL A 12 -6.03 -3.32 9.95
N GLY A 13 -6.67 -4.19 10.71
CA GLY A 13 -7.56 -5.20 10.16
C GLY A 13 -6.88 -6.54 10.02
N GLN A 14 -7.69 -7.52 9.58
CA GLN A 14 -7.19 -8.87 9.41
C GLN A 14 -6.18 -8.95 8.25
N GLY A 15 -6.55 -8.39 7.10
CA GLY A 15 -5.63 -8.41 5.96
C GLY A 15 -4.37 -7.62 6.22
N GLY A 16 -4.52 -6.40 6.74
CA GLY A 16 -3.37 -5.53 6.94
C GLY A 16 -2.33 -6.13 7.87
N ASN A 17 -2.78 -6.83 8.90
CA ASN A 17 -1.86 -7.48 9.84
C ASN A 17 -1.27 -8.75 9.25
N GLN A 18 -2.08 -9.52 8.51
CA GLN A 18 -1.55 -10.74 7.90
C GLN A 18 -0.58 -10.43 6.78
N ILE A 19 -0.79 -9.33 6.05
CA ILE A 19 0.16 -8.91 5.02
C ILE A 19 1.51 -8.57 5.64
N GLY A 20 1.51 -8.11 6.89
CA GLY A 20 2.72 -7.77 7.60
C GLY A 20 3.73 -8.90 7.75
N TYR A 21 3.32 -10.14 7.51
CA TYR A 21 4.26 -11.26 7.64
C TYR A 21 5.39 -11.13 6.63
N ASN A 22 5.05 -11.13 5.34
CA ASN A 22 6.06 -11.03 4.29
C ASN A 22 6.46 -9.59 4.01
N PHE A 23 5.69 -8.61 4.47
CA PHE A 23 6.16 -7.22 4.41
C PHE A 23 7.39 -7.04 5.27
N TRP A 24 7.34 -7.52 6.51
CA TRP A 24 8.47 -7.38 7.43
C TRP A 24 9.53 -8.45 7.20
N LYS A 25 9.13 -9.63 6.71
CA LYS A 25 10.13 -10.63 6.37
C LYS A 25 11.00 -10.16 5.21
N THR A 26 10.39 -9.54 4.19
CA THR A 26 11.15 -9.00 3.07
C THR A 26 12.03 -7.83 3.50
N ILE A 27 11.49 -6.95 4.35
CA ILE A 27 12.26 -5.81 4.84
C ILE A 27 13.44 -6.29 5.69
N CYS A 28 13.22 -7.29 6.54
CA CYS A 28 14.29 -7.76 7.42
C CYS A 28 15.41 -8.42 6.62
N GLU A 29 15.06 -9.25 5.64
CA GLU A 29 16.09 -9.98 4.90
C GLU A 29 16.84 -9.10 3.92
N GLU A 30 16.26 -7.97 3.51
CA GLU A 30 16.98 -7.03 2.67
C GLU A 30 17.92 -6.13 3.48
N HIS A 31 17.74 -6.06 4.80
CA HIS A 31 18.64 -5.34 5.67
C HIS A 31 19.44 -6.29 6.56
N ASN A 32 19.58 -7.54 6.14
CA ASN A 32 20.40 -8.55 6.83
C ASN A 32 19.94 -8.72 8.29
N ILE A 33 18.69 -9.13 8.45
CA ILE A 33 18.08 -9.33 9.76
C ILE A 33 17.18 -10.55 9.71
N ASP A 34 17.32 -11.42 10.70
CA ASP A 34 16.47 -12.60 10.82
C ASP A 34 15.25 -12.24 11.65
N ILE A 35 14.06 -12.38 11.05
N ILE A 35 14.07 -12.38 11.05
CA ILE A 35 12.82 -12.04 11.75
CA ILE A 35 12.83 -12.04 11.76
C ILE A 35 12.54 -12.98 12.92
C ILE A 35 12.63 -12.95 12.97
N ARG A 36 13.14 -14.18 12.92
CA ARG A 36 12.94 -15.12 14.01
C ARG A 36 13.76 -14.74 15.23
N SER A 37 14.99 -14.26 15.03
CA SER A 37 15.92 -14.01 16.13
C SER A 37 16.02 -12.55 16.52
N ASN A 38 15.47 -11.63 15.72
CA ASN A 38 15.60 -10.19 15.88
C ASN A 38 17.05 -9.72 15.72
N GLN A 39 17.94 -10.58 15.26
CA GLN A 39 19.35 -10.27 15.11
C GLN A 39 19.71 -10.12 13.64
N ARG A 40 20.91 -9.61 13.39
CA ARG A 40 21.48 -9.66 12.06
C ARG A 40 21.66 -11.12 11.64
N LYS A 41 21.63 -11.37 10.34
CA LYS A 41 21.70 -12.75 9.85
C LYS A 41 23.08 -13.14 9.35
N SER A 42 23.88 -12.19 8.89
CA SER A 42 25.24 -12.45 8.45
C SER A 42 26.14 -11.33 8.95
N VAL A 43 27.42 -11.66 9.13
CA VAL A 43 28.39 -10.62 9.44
C VAL A 43 28.67 -9.75 8.22
N GLU A 44 28.32 -10.23 7.03
CA GLU A 44 28.40 -9.41 5.83
C GLU A 44 27.29 -8.37 5.87
N GLU A 45 27.65 -7.14 6.26
CA GLU A 45 26.75 -6.01 6.22
C GLU A 45 27.32 -4.95 5.31
N ASP A 46 26.46 -4.30 4.53
CA ASP A 46 26.90 -3.19 3.71
C ASP A 46 27.15 -1.96 4.59
N LYS A 47 28.04 -1.09 4.10
CA LYS A 47 28.56 -0.01 4.96
C LYS A 47 27.46 0.99 5.33
N VAL A 48 26.58 1.31 4.40
CA VAL A 48 25.49 2.27 4.64
C VAL A 48 24.16 1.56 4.43
N ASP A 49 23.34 1.50 5.47
CA ASP A 49 22.02 0.92 5.39
C ASP A 49 21.05 1.79 6.17
N TYR A 50 19.91 2.12 5.56
CA TYR A 50 18.88 2.94 6.20
C TYR A 50 17.81 2.09 6.87
N LYS A 51 18.21 1.03 7.59
CA LYS A 51 17.24 0.14 8.21
C LYS A 51 16.45 0.83 9.31
N SER A 52 16.92 1.96 9.81
CA SER A 52 16.23 2.70 10.87
C SER A 52 14.95 3.34 10.39
N VAL A 53 14.67 3.35 9.08
CA VAL A 53 13.44 3.96 8.58
C VAL A 53 12.23 3.16 9.02
N PHE A 54 12.32 1.83 8.99
CA PHE A 54 11.23 0.96 9.38
C PHE A 54 11.52 0.10 10.61
N LEU A 55 12.79 -0.07 10.99
CA LEU A 55 13.17 -0.97 12.06
C LEU A 55 13.83 -0.20 13.19
N VAL A 56 13.56 -0.62 14.42
CA VAL A 56 14.14 -0.03 15.62
C VAL A 56 15.23 -0.95 16.13
N GLU A 57 16.43 -0.41 16.33
CA GLU A 57 17.55 -1.18 16.85
C GLU A 57 17.63 -0.95 18.36
N ALA A 58 17.18 -1.95 19.12
CA ALA A 58 17.33 -1.99 20.56
C ALA A 58 18.58 -2.78 20.91
N PRO A 59 19.08 -2.65 22.15
CA PRO A 59 20.27 -3.44 22.53
C PRO A 59 20.09 -4.93 22.34
N ASP A 60 18.86 -5.43 22.43
CA ASP A 60 18.61 -6.86 22.29
C ASP A 60 18.43 -7.29 20.84
N GLY A 61 18.18 -6.36 19.92
CA GLY A 61 18.01 -6.70 18.53
C GLY A 61 17.09 -5.70 17.84
N PHE A 62 16.65 -6.08 16.65
CA PHE A 62 15.83 -5.22 15.80
C PHE A 62 14.36 -5.57 15.95
N HIS A 63 13.53 -4.54 16.02
CA HIS A 63 12.09 -4.67 16.16
C HIS A 63 11.38 -3.76 15.17
N PRO A 64 10.17 -4.11 14.75
CA PRO A 64 9.45 -3.24 13.82
C PRO A 64 8.92 -1.99 14.51
N ARG A 65 9.11 -0.85 13.86
CA ARG A 65 8.47 0.39 14.32
C ARG A 65 7.04 0.39 13.79
N ALA A 66 6.22 -0.45 14.40
CA ALA A 66 4.88 -0.69 13.90
C ALA A 66 3.92 -0.91 15.06
N LEU A 67 2.64 -0.64 14.80
CA LEU A 67 1.55 -0.99 15.70
C LEU A 67 0.61 -1.92 14.96
N PHE A 68 0.26 -3.03 15.59
CA PHE A 68 -0.61 -4.04 15.01
C PHE A 68 -1.97 -3.93 15.67
N ILE A 69 -2.93 -3.39 14.92
CA ILE A 69 -4.21 -2.93 15.47
C ILE A 69 -5.33 -3.72 14.81
N ASP A 70 -6.26 -4.22 15.64
CA ASP A 70 -7.37 -5.02 15.12
C ASP A 70 -8.45 -5.09 16.19
N LEU A 71 -9.70 -5.19 15.73
CA LEU A 71 -10.84 -5.36 16.62
C LEU A 71 -11.11 -6.83 16.92
N GLU A 72 -10.26 -7.73 16.44
CA GLU A 72 -10.34 -9.16 16.70
C GLU A 72 -8.93 -9.72 16.73
N PRO A 73 -8.70 -10.78 17.50
CA PRO A 73 -7.33 -11.31 17.66
C PRO A 73 -6.92 -12.37 16.65
N LEU A 74 -7.65 -12.53 15.54
CA LEU A 74 -7.38 -13.66 14.65
C LEU A 74 -6.09 -13.48 13.87
N ALA A 75 -5.84 -12.26 13.36
CA ALA A 75 -4.67 -12.04 12.52
C ALA A 75 -3.37 -12.11 13.32
N VAL A 76 -3.37 -11.61 14.55
CA VAL A 76 -2.16 -11.64 15.37
C VAL A 76 -1.86 -13.06 15.84
N GLU A 77 -2.89 -13.90 15.97
CA GLU A 77 -2.65 -15.31 16.24
C GLU A 77 -1.95 -15.98 15.07
N PHE A 78 -2.25 -15.53 13.84
CA PHE A 78 -1.57 -16.05 12.66
C PHE A 78 -0.08 -15.69 12.69
N LEU A 79 0.26 -14.53 13.24
CA LEU A 79 1.65 -14.09 13.25
C LEU A 79 2.43 -14.72 14.40
N VAL A 80 1.81 -14.89 15.56
CA VAL A 80 2.52 -15.38 16.73
C VAL A 80 2.47 -16.90 16.82
N LYS A 81 1.33 -17.51 16.48
CA LYS A 81 1.16 -18.94 16.64
C LYS A 81 1.51 -19.72 15.38
N GLU A 82 0.93 -19.32 14.25
CA GLU A 82 1.17 -20.06 13.00
C GLU A 82 2.58 -19.82 12.48
N MET A 83 3.04 -18.57 12.51
CA MET A 83 4.36 -18.23 11.97
C MET A 83 5.46 -18.24 13.04
N LYS A 84 5.10 -18.29 14.32
CA LYS A 84 6.07 -18.42 15.41
C LYS A 84 7.02 -17.22 15.46
N LEU A 85 6.49 -16.03 15.23
CA LEU A 85 7.27 -14.80 15.22
C LEU A 85 6.82 -13.83 16.31
N GLY A 86 6.53 -14.37 17.50
CA GLY A 86 6.15 -13.54 18.63
C GLY A 86 7.25 -12.64 19.15
N SER A 87 8.51 -12.97 18.87
CA SER A 87 9.60 -12.11 19.31
C SER A 87 9.68 -10.85 18.46
N PHE A 88 9.19 -10.90 17.23
CA PHE A 88 9.14 -9.75 16.33
C PHE A 88 7.79 -9.03 16.41
N PHE A 89 6.70 -9.77 16.23
CA PHE A 89 5.35 -9.21 16.39
C PHE A 89 4.95 -9.38 17.86
N SER A 90 5.44 -8.48 18.69
CA SER A 90 5.31 -8.57 20.14
C SER A 90 4.11 -7.80 20.65
N GLU A 91 3.78 -8.02 21.92
CA GLU A 91 2.56 -7.51 22.52
C GLU A 91 2.60 -6.01 22.82
N ASP A 92 3.78 -5.44 23.03
CA ASP A 92 3.88 -4.00 23.26
C ASP A 92 3.50 -3.19 22.04
N LEU A 93 3.46 -3.82 20.87
CA LEU A 93 3.07 -3.15 19.63
C LEU A 93 1.65 -3.51 19.20
N MET A 94 0.88 -4.16 20.08
CA MET A 94 -0.45 -4.66 19.74
C MET A 94 -1.52 -3.81 20.42
N VAL A 95 -2.50 -3.38 19.63
CA VAL A 95 -3.70 -2.73 20.12
C VAL A 95 -4.88 -3.56 19.62
N LEU A 96 -5.47 -4.35 20.53
CA LEU A 96 -6.45 -5.36 20.14
C LEU A 96 -7.73 -5.21 20.94
N SER A 97 -8.85 -5.41 20.26
CA SER A 97 -10.15 -5.64 20.89
C SER A 97 -10.63 -7.03 20.50
N TYR A 98 -11.80 -7.42 21.02
CA TYR A 98 -12.35 -8.74 20.72
C TYR A 98 -13.81 -8.66 20.30
N SER A 99 -14.32 -7.47 19.98
CA SER A 99 -15.72 -7.31 19.59
C SER A 99 -15.91 -7.59 18.11
N GLY A 100 -15.18 -6.87 17.25
CA GLY A 100 -15.27 -7.07 15.82
C GLY A 100 -16.06 -5.97 15.13
N ALA A 101 -15.89 -5.91 13.81
CA ALA A 101 -16.58 -4.92 12.99
C ALA A 101 -17.67 -5.52 12.11
N HIS A 102 -17.65 -6.83 11.90
CA HIS A 102 -18.68 -7.54 11.12
C HIS A 102 -18.75 -7.01 9.69
N ASN A 103 -17.60 -6.67 9.12
CA ASN A 103 -17.46 -6.21 7.74
C ASN A 103 -18.31 -4.96 7.46
N VAL A 104 -18.49 -4.11 8.47
CA VAL A 104 -19.21 -2.86 8.32
C VAL A 104 -18.25 -1.72 8.64
N TRP A 105 -18.05 -0.83 7.67
CA TRP A 105 -17.14 0.31 7.85
C TRP A 105 -17.49 1.11 9.10
N SER A 106 -18.77 1.31 9.35
CA SER A 106 -19.20 2.16 10.45
C SER A 106 -18.85 1.55 11.81
N ILE A 107 -18.90 0.23 11.94
CA ILE A 107 -18.62 -0.40 13.22
C ILE A 107 -17.13 -0.28 13.56
N GLY A 108 -16.26 -0.40 12.55
CA GLY A 108 -14.84 -0.24 12.79
C GLY A 108 -14.46 1.19 13.10
N TYR A 109 -15.16 2.16 12.51
CA TYR A 109 -14.88 3.57 12.77
C TYR A 109 -15.28 3.94 14.20
N GLN A 110 -16.41 3.42 14.68
CA GLN A 110 -16.92 3.77 16.01
C GLN A 110 -16.29 2.93 17.12
N THR A 111 -16.16 1.62 16.91
CA THR A 111 -15.44 0.79 17.89
C THR A 111 -13.97 1.17 17.96
N GLY A 112 -13.40 1.61 16.84
CA GLY A 112 -12.01 2.02 16.84
C GLY A 112 -11.76 3.29 17.64
N LYS A 113 -12.78 4.12 17.80
CA LYS A 113 -12.60 5.35 18.57
C LYS A 113 -12.27 5.06 20.03
N LYS A 114 -12.68 3.90 20.53
CA LYS A 114 -12.39 3.52 21.91
C LYS A 114 -10.97 3.02 22.10
N LEU A 115 -10.22 2.79 21.02
CA LEU A 115 -8.82 2.42 21.11
C LEU A 115 -7.89 3.55 20.69
N ILE A 116 -8.44 4.65 20.17
CA ILE A 116 -7.61 5.76 19.71
C ILE A 116 -6.77 6.37 20.83
N PRO A 117 -7.32 6.70 22.02
CA PRO A 117 -6.48 7.34 23.04
C PRO A 117 -5.28 6.51 23.45
N VAL A 118 -5.39 5.18 23.44
CA VAL A 118 -4.25 4.35 23.79
C VAL A 118 -3.26 4.26 22.63
N ILE A 119 -3.74 4.39 21.39
CA ILE A 119 -2.84 4.39 20.24
C ILE A 119 -2.00 5.66 20.22
N LEU A 120 -2.65 6.81 20.45
CA LEU A 120 -1.93 8.07 20.52
C LEU A 120 -0.97 8.09 21.70
N GLU A 121 -1.30 7.37 22.79
CA GLU A 121 -0.42 7.30 23.93
C GLU A 121 0.86 6.53 23.60
N LYS A 122 0.74 5.43 22.87
CA LYS A 122 1.93 4.69 22.46
C LYS A 122 2.77 5.49 21.48
N ILE A 123 2.14 6.32 20.65
CA ILE A 123 2.89 7.13 19.69
C ILE A 123 3.67 8.21 20.42
N ARG A 124 3.05 8.87 21.40
CA ARG A 124 3.72 9.93 22.13
C ARG A 124 4.85 9.39 23.00
N ASP A 125 4.64 8.23 23.63
CA ASP A 125 5.58 7.72 24.62
C ASP A 125 6.71 6.88 24.02
N THR A 126 6.56 6.41 22.78
CA THR A 126 7.52 5.49 22.19
C THR A 126 8.11 5.97 20.87
N MET A 127 7.41 6.83 20.13
CA MET A 127 7.98 7.19 18.84
C MET A 127 9.00 8.31 18.99
N PRO A 128 10.00 8.34 18.11
CA PRO A 128 10.94 9.47 18.10
C PRO A 128 10.25 10.75 17.67
N GLU A 129 10.78 11.87 18.16
CA GLU A 129 10.26 13.18 17.76
C GLU A 129 10.66 13.56 16.35
N THR A 130 11.64 12.88 15.76
CA THR A 130 12.01 13.08 14.37
C THR A 130 11.23 12.18 13.42
N LEU A 131 10.19 11.51 13.91
CA LEU A 131 9.35 10.66 13.07
C LEU A 131 8.80 11.45 11.89
N GLN A 132 9.05 10.94 10.68
CA GLN A 132 8.65 11.67 9.48
C GLN A 132 7.18 11.47 9.13
N GLY A 133 6.59 10.33 9.50
CA GLY A 133 5.19 10.12 9.21
C GLY A 133 4.75 8.70 9.52
N PHE A 134 3.60 8.33 8.97
CA PHE A 134 2.97 7.05 9.24
C PHE A 134 2.62 6.34 7.94
N LEU A 135 2.74 5.01 7.95
CA LEU A 135 2.35 4.17 6.83
C LEU A 135 1.23 3.24 7.29
N ILE A 136 0.06 3.37 6.66
CA ILE A 136 -1.12 2.62 7.04
C ILE A 136 -1.38 1.55 5.98
N ILE A 137 -1.32 0.29 6.40
CA ILE A 137 -1.50 -0.87 5.53
C ILE A 137 -2.79 -1.57 5.97
N HIS A 138 -3.77 -1.61 5.07
CA HIS A 138 -5.09 -2.11 5.42
C HIS A 138 -5.85 -2.49 4.16
N THR A 139 -6.94 -3.21 4.35
CA THR A 139 -7.90 -3.52 3.29
C THR A 139 -9.09 -2.57 3.37
N LEU A 140 -9.83 -2.48 2.27
CA LEU A 140 -10.95 -1.55 2.17
C LEU A 140 -12.31 -2.23 2.09
N GLY A 141 -12.35 -3.56 1.90
CA GLY A 141 -13.59 -4.28 1.76
C GLY A 141 -14.31 -4.65 3.04
N GLY A 142 -13.63 -4.65 4.18
CA GLY A 142 -14.22 -5.06 5.43
C GLY A 142 -14.65 -3.90 6.30
N GLY A 143 -14.51 -4.07 7.62
CA GLY A 143 -14.93 -3.07 8.57
C GLY A 143 -13.81 -2.51 9.42
N THR A 144 -12.91 -3.36 9.91
CA THR A 144 -11.80 -2.89 10.73
C THR A 144 -10.76 -2.17 9.87
N GLY A 145 -10.27 -2.82 8.81
CA GLY A 145 -9.31 -2.17 7.95
C GLY A 145 -9.84 -0.92 7.29
N SER A 146 -11.13 -0.90 6.98
CA SER A 146 -11.73 0.23 6.28
C SER A 146 -12.12 1.35 7.23
N GLY A 147 -12.98 1.04 8.21
CA GLY A 147 -13.46 2.02 9.17
C GLY A 147 -12.42 2.50 10.16
N PHE A 148 -11.79 1.58 10.90
CA PHE A 148 -10.71 1.96 11.80
C PHE A 148 -9.52 2.54 11.03
N GLY A 149 -9.26 2.02 9.83
CA GLY A 149 -8.19 2.55 9.02
C GLY A 149 -8.47 3.98 8.56
N SER A 150 -9.72 4.25 8.19
CA SER A 150 -10.10 5.61 7.83
C SER A 150 -10.02 6.54 9.03
N LEU A 151 -10.44 6.05 10.21
CA LEU A 151 -10.36 6.85 11.42
C LEU A 151 -8.91 7.16 11.78
N LEU A 152 -8.03 6.16 11.66
CA LEU A 152 -6.62 6.39 11.97
C LEU A 152 -5.97 7.33 10.97
N THR A 153 -6.33 7.21 9.68
CA THR A 153 -5.81 8.14 8.68
C THR A 153 -6.23 9.57 9.00
N GLU A 154 -7.48 9.74 9.43
CA GLU A 154 -7.99 11.05 9.78
C GLU A 154 -7.39 11.54 11.10
N THR A 155 -7.28 10.65 12.09
CA THR A 155 -6.77 11.05 13.40
C THR A 155 -5.31 11.43 13.36
N LEU A 156 -4.50 10.65 12.63
CA LEU A 156 -3.06 10.96 12.56
C LEU A 156 -2.81 12.25 11.79
N LYS A 157 -3.65 12.58 10.82
CA LYS A 157 -3.48 13.82 10.08
C LYS A 157 -3.89 15.04 10.90
N LYS A 158 -4.84 14.87 11.82
CA LYS A 158 -5.29 15.97 12.65
C LYS A 158 -4.35 16.22 13.81
N GLU A 159 -3.83 15.15 14.43
CA GLU A 159 -2.95 15.30 15.58
C GLU A 159 -1.50 15.54 15.18
N PHE A 160 -1.09 15.13 13.99
CA PHE A 160 0.27 15.30 13.51
C PHE A 160 0.23 15.87 12.09
N PRO A 161 -0.16 17.14 11.94
CA PRO A 161 -0.30 17.70 10.59
C PRO A 161 1.02 17.96 9.90
N GLY A 162 2.14 17.97 10.62
CA GLY A 162 3.43 18.17 10.00
C GLY A 162 4.09 16.92 9.47
N LYS A 163 3.48 15.77 9.68
CA LYS A 163 4.03 14.48 9.26
C LYS A 163 3.19 13.91 8.13
N GLY A 164 3.77 12.92 7.43
CA GLY A 164 3.14 12.35 6.26
C GLY A 164 2.33 11.12 6.59
N VAL A 165 1.14 11.04 6.02
CA VAL A 165 0.24 9.89 6.19
C VAL A 165 0.12 9.22 4.83
N LEU A 166 0.71 8.04 4.68
CA LEU A 166 0.71 7.27 3.45
C LEU A 166 -0.10 6.00 3.65
N ASN A 167 -0.96 5.68 2.69
CA ASN A 167 -1.88 4.55 2.79
C ASN A 167 -1.56 3.53 1.69
N PHE A 168 -1.20 2.32 2.11
CA PHE A 168 -1.16 1.16 1.23
C PHE A 168 -2.49 0.44 1.41
N SER A 169 -3.42 0.66 0.48
CA SER A 169 -4.80 0.22 0.63
C SER A 169 -5.12 -0.88 -0.39
N VAL A 170 -5.73 -1.96 0.08
CA VAL A 170 -6.04 -3.10 -0.76
C VAL A 170 -7.53 -3.07 -1.11
N LEU A 171 -7.82 -3.09 -2.41
CA LEU A 171 -9.19 -3.04 -2.91
C LEU A 171 -9.86 -4.41 -2.77
N PRO A 172 -11.20 -4.43 -2.71
CA PRO A 172 -11.90 -5.71 -2.58
C PRO A 172 -11.74 -6.58 -3.81
N SER A 173 -11.71 -7.89 -3.57
CA SER A 173 -11.54 -8.90 -4.60
C SER A 173 -12.87 -9.62 -4.86
N GLU A 174 -12.79 -10.86 -5.34
CA GLU A 174 -13.94 -11.74 -5.39
C GLU A 174 -13.90 -12.83 -4.34
N VAL A 175 -12.71 -13.27 -3.94
CA VAL A 175 -12.57 -13.96 -2.68
C VAL A 175 -12.41 -12.92 -1.57
N ASN A 176 -12.60 -13.36 -0.33
CA ASN A 176 -12.73 -12.48 0.83
C ASN A 176 -13.57 -11.25 0.49
N ASP A 177 -14.62 -11.46 -0.29
CA ASP A 177 -15.44 -10.38 -0.83
C ASP A 177 -16.81 -10.43 -0.17
N VAL A 178 -17.13 -9.40 0.57
CA VAL A 178 -18.45 -9.23 1.16
C VAL A 178 -19.31 -8.45 0.18
N THR A 179 -20.62 -8.71 0.17
CA THR A 179 -21.53 -7.89 -0.63
C THR A 179 -21.53 -6.44 -0.17
N LEU A 180 -21.14 -6.18 1.07
CA LEU A 180 -21.04 -4.82 1.61
C LEU A 180 -19.76 -4.11 1.18
N ALA A 181 -18.92 -4.77 0.38
CA ALA A 181 -17.64 -4.18 -0.02
C ALA A 181 -17.78 -2.88 -0.82
N PRO A 182 -18.76 -2.74 -1.74
CA PRO A 182 -18.91 -1.43 -2.40
C PRO A 182 -19.13 -0.28 -1.44
N TYR A 183 -19.94 -0.49 -0.40
CA TYR A 183 -20.17 0.58 0.58
C TYR A 183 -18.89 0.89 1.35
N ASN A 184 -18.19 -0.16 1.80
CA ASN A 184 -16.98 0.04 2.60
C ASN A 184 -15.87 0.70 1.78
N THR A 185 -15.73 0.30 0.51
CA THR A 185 -14.67 0.87 -0.32
C THR A 185 -14.93 2.35 -0.61
N VAL A 186 -16.17 2.70 -0.93
CA VAL A 186 -16.48 4.11 -1.20
C VAL A 186 -16.32 4.95 0.05
N LEU A 187 -16.79 4.45 1.20
CA LEU A 187 -16.63 5.17 2.45
C LEU A 187 -15.15 5.35 2.81
N SER A 188 -14.35 4.32 2.58
CA SER A 188 -12.93 4.40 2.91
C SER A 188 -12.19 5.32 1.95
N LEU A 189 -12.48 5.23 0.65
CA LEU A 189 -11.78 6.06 -0.32
C LEU A 189 -12.19 7.52 -0.21
N ASN A 190 -13.41 7.80 0.22
CA ASN A 190 -13.81 9.19 0.43
C ASN A 190 -13.06 9.79 1.62
N HIS A 191 -12.94 9.04 2.71
CA HIS A 191 -12.20 9.52 3.87
C HIS A 191 -10.72 9.70 3.54
N LEU A 192 -10.13 8.73 2.84
CA LEU A 192 -8.72 8.83 2.48
C LEU A 192 -8.45 9.98 1.53
N SER A 193 -9.43 10.33 0.68
CA SER A 193 -9.27 11.47 -0.20
C SER A 193 -9.18 12.78 0.58
N ARG A 194 -9.75 12.81 1.78
CA ARG A 194 -9.77 14.01 2.60
C ARG A 194 -8.58 14.12 3.53
N PHE A 195 -8.03 13.00 3.99
CA PHE A 195 -7.05 13.03 5.08
C PHE A 195 -5.71 12.40 4.74
N SER A 196 -5.66 11.46 3.79
CA SER A 196 -4.39 10.87 3.42
C SER A 196 -3.64 11.78 2.47
N ASP A 197 -2.31 11.71 2.55
CA ASP A 197 -1.45 12.42 1.61
C ASP A 197 -1.20 11.64 0.33
N LEU A 198 -1.37 10.33 0.35
CA LEU A 198 -1.13 9.47 -0.79
C LEU A 198 -1.73 8.09 -0.57
N VAL A 199 -2.47 7.57 -1.54
CA VAL A 199 -3.11 6.26 -1.43
C VAL A 199 -2.61 5.40 -2.58
N VAL A 200 -1.75 4.43 -2.27
CA VAL A 200 -1.32 3.44 -3.25
C VAL A 200 -2.23 2.23 -3.12
N LEU A 201 -2.86 1.85 -4.23
CA LEU A 201 -3.95 0.88 -4.22
C LEU A 201 -3.50 -0.48 -4.71
N PHE A 202 -3.90 -1.52 -4.00
CA PHE A 202 -3.60 -2.90 -4.36
C PHE A 202 -4.92 -3.66 -4.54
N ASP A 203 -4.93 -4.61 -5.45
CA ASP A 203 -6.13 -5.40 -5.73
C ASP A 203 -5.76 -6.87 -5.79
N ASN A 204 -6.37 -7.67 -4.91
CA ASN A 204 -6.21 -9.12 -5.00
C ASN A 204 -6.75 -9.66 -6.31
N THR A 205 -7.68 -8.96 -6.95
CA THR A 205 -8.20 -9.41 -8.24
C THR A 205 -7.11 -9.41 -9.30
N ALA A 206 -6.20 -8.42 -9.25
CA ALA A 206 -5.14 -8.33 -10.24
C ALA A 206 -4.17 -9.50 -10.12
N LEU A 207 -3.83 -9.89 -8.89
CA LEU A 207 -2.95 -11.05 -8.70
C LEU A 207 -3.63 -12.33 -9.17
N ILE A 208 -4.93 -12.46 -8.96
CA ILE A 208 -5.67 -13.62 -9.44
C ILE A 208 -5.70 -13.63 -10.97
N ARG A 209 -5.81 -12.46 -11.59
CA ARG A 209 -5.76 -12.36 -13.05
C ARG A 209 -4.47 -12.93 -13.59
N ILE A 210 -3.34 -12.63 -12.93
CA ILE A 210 -2.04 -13.11 -13.37
C ILE A 210 -1.95 -14.62 -13.19
N VAL A 211 -2.66 -15.18 -12.22
CA VAL A 211 -2.64 -16.63 -12.00
C VAL A 211 -3.30 -17.34 -13.17
N LYS A 212 -4.50 -16.91 -13.55
CA LYS A 212 -5.27 -17.58 -14.60
C LYS A 212 -4.66 -17.42 -15.99
N ASP A 213 -3.65 -16.57 -16.15
CA ASP A 213 -3.01 -16.35 -17.44
C ASP A 213 -1.54 -16.73 -17.43
N GLN A 214 -1.14 -17.64 -16.53
CA GLN A 214 0.26 -18.03 -16.39
C GLN A 214 0.34 -19.49 -15.99
N LEU A 215 1.11 -20.28 -16.75
CA LEU A 215 1.49 -21.61 -16.28
C LEU A 215 2.26 -21.51 -14.98
N ASN A 216 3.19 -20.58 -14.92
CA ASN A 216 4.01 -20.43 -13.73
C ASN A 216 3.14 -20.14 -12.50
N TYR A 217 3.61 -20.60 -11.34
CA TYR A 217 2.80 -20.59 -10.12
C TYR A 217 3.00 -19.29 -9.35
N PRO A 218 2.04 -18.37 -9.35
CA PRO A 218 2.18 -17.16 -8.55
C PRO A 218 1.51 -17.31 -7.19
N VAL A 219 0.44 -18.12 -7.14
CA VAL A 219 -0.18 -18.53 -5.88
C VAL A 219 -0.57 -20.00 -6.02
N ILE A 220 -0.52 -20.72 -4.89
CA ILE A 220 -0.90 -22.14 -4.84
C ILE A 220 -1.66 -22.35 -3.52
N LYS A 221 -1.84 -21.25 -2.78
CA LYS A 221 -2.57 -21.26 -1.53
C LYS A 221 -3.22 -19.90 -1.36
N GLN A 222 -4.38 -19.88 -0.70
CA GLN A 222 -5.17 -18.65 -0.63
C GLN A 222 -4.57 -17.69 0.37
N PHE A 223 -4.46 -16.42 -0.03
CA PHE A 223 -3.92 -15.30 0.74
C PHE A 223 -2.58 -15.62 1.40
N SER A 224 -2.40 -16.84 1.92
CA SER A 224 -1.08 -17.25 2.40
C SER A 224 -0.03 -17.09 1.32
N ASP A 225 -0.44 -17.06 0.05
CA ASP A 225 0.41 -16.65 -1.05
C ASP A 225 -0.01 -15.33 -1.67
N LEU A 226 -1.30 -14.99 -1.62
CA LEU A 226 -1.75 -13.71 -2.16
C LEU A 226 -1.31 -12.55 -1.26
N ASN A 227 -1.65 -12.62 0.03
CA ASN A 227 -1.13 -11.61 0.97
C ASN A 227 0.38 -11.71 1.09
N PHE A 228 0.96 -12.88 0.82
CA PHE A 228 2.42 -13.01 0.73
C PHE A 228 2.97 -12.18 -0.42
N LEU A 229 2.28 -12.19 -1.57
CA LEU A 229 2.71 -11.42 -2.72
C LEU A 229 2.46 -9.93 -2.54
N ILE A 230 1.34 -9.57 -1.90
CA ILE A 230 1.06 -8.16 -1.65
C ILE A 230 2.11 -7.56 -0.72
N GLY A 231 2.53 -8.33 0.30
CA GLY A 231 3.52 -7.83 1.21
C GLY A 231 4.88 -7.60 0.56
N ARG A 232 5.25 -8.49 -0.37
CA ARG A 232 6.53 -8.31 -1.06
C ARG A 232 6.47 -7.13 -2.02
N VAL A 233 5.31 -6.91 -2.65
CA VAL A 233 5.19 -5.81 -3.60
C VAL A 233 5.22 -4.47 -2.89
N MET A 234 4.43 -4.33 -1.81
CA MET A 234 4.42 -3.06 -1.10
C MET A 234 5.68 -2.85 -0.28
N ALA A 235 6.46 -3.90 -0.04
CA ALA A 235 7.80 -3.70 0.52
C ALA A 235 8.79 -3.24 -0.54
N SER A 236 8.61 -3.68 -1.78
CA SER A 236 9.46 -3.21 -2.88
C SER A 236 9.17 -1.75 -3.21
N ILE A 237 7.93 -1.30 -3.01
CA ILE A 237 7.60 0.09 -3.26
C ILE A 237 8.30 1.00 -2.25
N THR A 238 8.46 0.53 -1.01
CA THR A 238 9.15 1.29 0.02
C THR A 238 10.66 1.32 -0.15
N ALA A 239 11.21 0.66 -1.18
CA ALA A 239 12.65 0.60 -1.35
C ALA A 239 13.27 1.98 -1.53
N SER A 240 12.52 2.92 -2.09
CA SER A 240 13.05 4.27 -2.24
C SER A 240 13.27 4.96 -0.91
N LEU A 241 12.62 4.49 0.16
CA LEU A 241 12.67 5.14 1.46
C LEU A 241 13.70 4.55 2.40
N ARG A 242 14.31 3.42 2.03
CA ARG A 242 15.19 2.70 2.94
C ARG A 242 16.52 2.30 2.31
N PHE A 243 16.80 2.73 1.08
CA PHE A 243 18.06 2.43 0.44
C PHE A 243 18.63 3.68 -0.21
N PRO A 244 19.95 3.87 -0.13
CA PRO A 244 20.56 5.04 -0.78
C PRO A 244 20.47 4.95 -2.29
N GLY A 245 20.29 6.10 -2.92
CA GLY A 245 20.19 6.18 -4.36
C GLY A 245 19.75 7.55 -4.84
N PRO A 246 19.74 7.73 -6.16
CA PRO A 246 19.30 9.02 -6.72
C PRO A 246 17.87 9.36 -6.37
N LEU A 247 16.99 8.38 -6.21
CA LEU A 247 15.59 8.61 -5.89
C LEU A 247 15.26 8.26 -4.45
N ASN A 248 16.22 8.46 -3.53
CA ASN A 248 15.96 8.24 -2.12
C ASN A 248 14.99 9.31 -1.63
N MET A 249 13.76 8.90 -1.35
CA MET A 249 12.69 9.81 -0.96
C MET A 249 12.34 9.61 0.50
N ASP A 250 11.73 10.63 1.08
CA ASP A 250 11.00 10.49 2.32
C ASP A 250 9.51 10.43 1.98
N LEU A 251 8.66 10.28 3.00
CA LEU A 251 7.23 10.12 2.73
C LEU A 251 6.66 11.32 2.00
N MET A 252 7.05 12.53 2.41
CA MET A 252 6.51 13.74 1.77
CA MET A 252 6.49 13.72 1.76
C MET A 252 6.93 13.83 0.31
N GLU A 253 8.20 13.56 0.02
CA GLU A 253 8.68 13.61 -1.35
C GLU A 253 7.96 12.59 -2.23
N MET A 254 7.62 11.43 -1.66
CA MET A 254 6.88 10.43 -2.42
C MET A 254 5.49 10.94 -2.79
N ALA A 255 4.87 11.71 -1.89
CA ALA A 255 3.57 12.30 -2.20
C ALA A 255 3.71 13.50 -3.13
N HIS A 256 4.71 14.35 -2.90
CA HIS A 256 4.89 15.54 -3.73
C HIS A 256 5.18 15.18 -5.17
N ASN A 257 5.92 14.09 -5.39
CA ASN A 257 6.27 13.68 -6.75
C ASN A 257 5.10 13.10 -7.54
N LEU A 258 3.98 12.81 -6.89
CA LEU A 258 2.87 12.13 -7.57
C LEU A 258 1.52 12.84 -7.44
N VAL A 259 1.36 13.77 -6.51
CA VAL A 259 0.06 14.41 -6.25
C VAL A 259 0.15 15.83 -6.82
N ALA A 260 -0.36 16.02 -8.04
CA ALA A 260 -0.40 17.34 -8.64
C ALA A 260 -1.52 18.19 -8.06
N LEU A 261 -2.76 17.68 -8.10
CA LEU A 261 -3.91 18.30 -7.50
C LEU A 261 -4.30 17.55 -6.23
N PRO A 262 -4.89 18.24 -5.24
CA PRO A 262 -5.19 17.57 -3.96
C PRO A 262 -6.09 16.36 -4.08
N GLU A 263 -6.82 16.21 -5.19
CA GLU A 263 -7.69 15.05 -5.36
C GLU A 263 -7.02 13.90 -6.10
N THR A 264 -5.91 14.16 -6.79
CA THR A 264 -5.23 13.12 -7.57
C THR A 264 -4.13 12.48 -6.72
N LYS A 265 -4.57 11.69 -5.74
CA LYS A 265 -3.66 11.05 -4.79
C LYS A 265 -3.80 9.53 -4.80
N PHE A 266 -4.33 8.95 -5.87
CA PHE A 266 -4.56 7.51 -5.97
C PHE A 266 -3.61 6.93 -7.00
N ILE A 267 -2.68 6.10 -6.55
CA ILE A 267 -1.55 5.63 -7.35
C ILE A 267 -1.74 4.15 -7.68
N ILE A 268 -1.35 3.77 -8.88
CA ILE A 268 -1.37 2.38 -9.32
C ILE A 268 0.06 1.85 -9.27
N PRO A 269 0.32 0.77 -8.52
CA PRO A 269 1.68 0.23 -8.46
C PRO A 269 1.90 -0.91 -9.44
N SER A 270 3.13 -1.06 -9.92
CA SER A 270 3.49 -2.12 -10.84
C SER A 270 4.87 -2.65 -10.47
N VAL A 271 5.01 -3.97 -10.37
CA VAL A 271 6.27 -4.60 -9.99
C VAL A 271 6.53 -5.79 -10.91
N ALA A 272 7.75 -5.85 -11.46
CA ALA A 272 8.21 -6.97 -12.25
C ALA A 272 9.69 -7.13 -11.94
N PRO A 273 10.17 -8.35 -11.67
CA PRO A 273 9.43 -9.62 -11.74
C PRO A 273 8.60 -9.94 -10.51
N LEU A 274 7.61 -10.82 -10.67
CA LEU A 274 6.81 -11.31 -9.56
C LEU A 274 7.20 -12.71 -9.12
N THR A 275 7.78 -13.51 -10.02
CA THR A 275 8.18 -14.88 -9.71
C THR A 275 9.63 -15.09 -10.11
N LYS A 276 10.24 -16.12 -9.52
CA LYS A 276 11.62 -16.48 -9.87
C LYS A 276 11.73 -16.93 -11.32
N GLU A 277 10.69 -17.59 -11.85
CA GLU A 277 10.71 -18.01 -13.24
C GLU A 277 10.72 -16.82 -14.18
N GLU A 278 9.93 -15.78 -13.88
CA GLU A 278 9.96 -14.57 -14.69
C GLU A 278 11.32 -13.87 -14.58
N SER A 279 11.93 -13.92 -13.39
CA SER A 279 13.22 -13.28 -13.21
C SER A 279 14.31 -13.96 -14.03
N GLU A 280 14.24 -15.29 -14.14
CA GLU A 280 15.24 -16.06 -14.88
C GLU A 280 15.05 -15.98 -16.39
N MET A 281 13.91 -15.48 -16.86
CA MET A 281 13.63 -15.39 -18.30
C MET A 281 13.60 -13.97 -18.83
N SER A 282 13.85 -12.97 -17.98
CA SER A 282 13.64 -11.58 -18.37
C SER A 282 14.92 -10.77 -18.27
N THR A 283 15.04 -9.78 -19.16
CA THR A 283 16.09 -8.78 -19.12
C THR A 283 15.53 -7.49 -18.50
N GLU A 284 16.40 -6.47 -18.43
CA GLU A 284 15.98 -5.20 -17.83
C GLU A 284 14.86 -4.56 -18.65
N LEU A 285 15.01 -4.55 -19.97
CA LEU A 285 13.98 -3.95 -20.83
C LEU A 285 12.64 -4.63 -20.64
N ASP A 286 12.64 -5.97 -20.57
CA ASP A 286 11.38 -6.70 -20.38
C ASP A 286 10.72 -6.32 -19.06
N LEU A 287 11.51 -6.06 -18.02
CA LEU A 287 10.93 -5.70 -16.74
C LEU A 287 10.35 -4.30 -16.75
N VAL A 288 10.97 -3.37 -17.49
CA VAL A 288 10.40 -2.03 -17.62
C VAL A 288 9.13 -2.06 -18.45
N GLU A 289 9.12 -2.85 -19.53
CA GLU A 289 7.95 -2.92 -20.40
C GLU A 289 6.76 -3.56 -19.68
N ARG A 290 7.01 -4.56 -18.83
CA ARG A 290 5.91 -5.17 -18.09
C ARG A 290 5.33 -4.22 -17.06
N CYS A 291 6.15 -3.36 -16.46
CA CYS A 291 5.66 -2.42 -15.47
C CYS A 291 4.68 -1.43 -16.07
N PHE A 292 4.89 -1.06 -17.34
CA PHE A 292 3.96 -0.21 -18.05
C PHE A 292 2.89 -1.01 -18.79
N ASP A 293 2.72 -2.29 -18.46
CA ASP A 293 1.70 -3.13 -19.05
C ASP A 293 0.59 -3.33 -18.04
N PRO A 294 -0.66 -3.01 -18.35
CA PRO A 294 -1.75 -3.21 -17.38
C PRO A 294 -1.89 -4.64 -16.89
N THR A 295 -1.25 -5.62 -17.55
CA THR A 295 -1.29 -6.99 -17.04
C THR A 295 -0.55 -7.11 -15.71
N HIS A 296 0.50 -6.32 -15.52
CA HIS A 296 1.28 -6.33 -14.29
C HIS A 296 0.87 -5.25 -13.31
N TYR A 297 -0.18 -4.49 -13.60
CA TYR A 297 -0.70 -3.54 -12.63
C TYR A 297 -1.29 -4.29 -11.44
N MET A 298 -1.13 -3.72 -10.26
CA MET A 298 -1.76 -4.27 -9.06
C MET A 298 -3.20 -3.85 -8.94
N VAL A 299 -3.73 -3.11 -9.90
CA VAL A 299 -5.14 -2.78 -9.99
C VAL A 299 -5.65 -3.30 -11.32
N ASN A 300 -6.90 -3.77 -11.33
CA ASN A 300 -7.45 -4.42 -12.52
C ASN A 300 -7.92 -3.36 -13.51
N CYS A 301 -7.17 -3.20 -14.61
CA CYS A 301 -7.47 -2.21 -15.64
C CYS A 301 -7.68 -2.92 -16.98
N SER A 302 -8.54 -2.32 -17.81
CA SER A 302 -8.80 -2.90 -19.13
C SER A 302 -7.63 -2.65 -20.07
N GLY A 303 -7.31 -1.39 -20.32
CA GLY A 303 -6.10 -1.03 -21.03
C GLY A 303 -5.25 -0.12 -20.17
N GLN A 304 -4.39 0.69 -20.79
CA GLN A 304 -3.70 1.73 -20.04
C GLN A 304 -4.46 3.03 -20.18
N GLY A 305 -4.14 3.98 -19.30
CA GLY A 305 -4.71 5.31 -19.39
C GLY A 305 -3.64 6.32 -19.78
N LYS A 306 -3.78 7.55 -19.30
CA LYS A 306 -2.79 8.59 -19.53
C LYS A 306 -2.10 8.94 -18.22
N THR A 307 -0.79 9.10 -18.27
CA THR A 307 0.02 9.27 -17.06
C THR A 307 0.12 10.75 -16.69
N ILE A 308 -0.15 11.05 -15.42
CA ILE A 308 0.04 12.39 -14.90
C ILE A 308 1.43 12.54 -14.29
N SER A 309 1.82 11.59 -13.45
CA SER A 309 3.15 11.56 -12.83
C SER A 309 3.50 10.11 -12.54
N SER A 310 4.76 9.76 -12.74
CA SER A 310 5.21 8.39 -12.54
C SER A 310 6.61 8.37 -11.96
N VAL A 311 6.88 7.35 -11.14
CA VAL A 311 8.18 7.14 -10.54
C VAL A 311 8.57 5.67 -10.75
N LEU A 312 9.70 5.44 -11.42
CA LEU A 312 10.18 4.10 -11.69
C LEU A 312 11.50 3.88 -10.96
N MET A 313 11.72 2.64 -10.52
CA MET A 313 12.90 2.28 -9.74
C MET A 313 13.55 1.05 -10.34
N PHE A 314 14.82 1.15 -10.69
CA PHE A 314 15.64 0.01 -11.04
C PHE A 314 16.30 -0.51 -9.77
N ARG A 315 16.21 -1.82 -9.53
CA ARG A 315 16.77 -2.42 -8.32
C ARG A 315 17.72 -3.54 -8.71
N GLY A 316 18.97 -3.43 -8.26
CA GLY A 316 19.90 -4.55 -8.35
C GLY A 316 20.98 -4.47 -9.40
N ASN A 317 21.20 -5.58 -10.09
CA ASN A 317 22.29 -5.72 -11.06
C ASN A 317 21.83 -5.20 -12.43
N ILE A 318 21.65 -3.89 -12.49
CA ILE A 318 21.16 -3.21 -13.68
C ILE A 318 22.24 -2.27 -14.20
N ALA A 319 22.59 -2.42 -15.47
CA ALA A 319 23.56 -1.52 -16.10
C ALA A 319 22.93 -0.14 -16.26
N ILE A 320 23.55 0.86 -15.62
CA ILE A 320 22.96 2.20 -15.62
C ILE A 320 23.00 2.82 -17.01
N GLU A 321 23.97 2.43 -17.85
CA GLU A 321 24.00 2.94 -19.21
C GLU A 321 22.82 2.45 -20.02
N ASN A 322 22.36 1.22 -19.77
CA ASN A 322 21.16 0.72 -20.44
C ASN A 322 19.89 1.29 -19.81
N ALA A 323 19.92 1.61 -18.52
CA ALA A 323 18.78 2.26 -17.90
C ALA A 323 18.53 3.64 -18.49
N PHE A 324 19.60 4.39 -18.76
CA PHE A 324 19.46 5.66 -19.46
C PHE A 324 18.79 5.46 -20.81
N SER A 325 19.22 4.44 -21.55
CA SER A 325 18.75 4.24 -22.92
C SER A 325 17.31 3.73 -22.94
N ILE A 326 16.94 2.88 -21.98
CA ILE A 326 15.59 2.30 -21.97
C ILE A 326 14.55 3.39 -21.74
N MET A 327 14.83 4.33 -20.82
CA MET A 327 13.86 5.35 -20.45
C MET A 327 13.68 6.41 -21.53
N THR A 328 14.68 6.63 -22.39
CA THR A 328 14.45 7.46 -23.57
C THR A 328 13.42 6.81 -24.48
N ASP A 329 13.47 5.49 -24.63
CA ASP A 329 12.53 4.80 -25.49
C ASP A 329 11.16 4.67 -24.83
N ILE A 330 11.12 4.54 -23.50
CA ILE A 330 9.84 4.42 -22.81
C ILE A 330 9.09 5.76 -22.82
N LYS A 331 9.81 6.88 -22.67
CA LYS A 331 9.16 8.19 -22.71
C LYS A 331 8.51 8.44 -24.07
N SER A 332 9.02 7.82 -25.12
CA SER A 332 8.46 8.01 -26.45
C SER A 332 7.20 7.18 -26.68
N ASN A 333 7.05 6.06 -25.97
CA ASN A 333 5.92 5.17 -26.17
C ASN A 333 4.81 5.36 -25.13
N VAL A 334 5.10 6.00 -24.02
CA VAL A 334 4.13 6.12 -22.92
C VAL A 334 3.17 7.26 -23.21
N ALA A 335 1.88 7.01 -23.04
CA ALA A 335 0.85 8.02 -23.24
C ALA A 335 0.73 8.87 -21.98
N PHE A 336 1.25 10.09 -22.04
CA PHE A 336 1.10 11.04 -20.95
C PHE A 336 -0.18 11.85 -21.13
N ALA A 337 -0.68 12.37 -20.00
CA ALA A 337 -1.91 13.15 -20.03
C ALA A 337 -1.70 14.43 -20.85
N PRO A 338 -2.76 14.94 -21.50
CA PRO A 338 -2.62 16.16 -22.30
C PRO A 338 -2.13 17.35 -21.48
N GLY A 339 -0.93 17.82 -21.77
CA GLY A 339 -0.33 18.96 -21.08
C GLY A 339 0.93 18.64 -20.32
N VAL A 340 1.21 17.37 -20.07
CA VAL A 340 2.39 16.98 -19.31
C VAL A 340 3.56 16.78 -20.27
N HIS A 341 4.66 17.48 -20.02
CA HIS A 341 5.90 17.18 -20.71
C HIS A 341 6.35 15.78 -20.30
N PRO A 342 6.78 14.93 -21.25
CA PRO A 342 7.24 13.58 -20.88
C PRO A 342 8.34 13.59 -19.83
N ASP A 343 9.18 14.61 -19.81
CA ASP A 343 10.23 14.70 -18.81
C ASP A 343 9.68 14.97 -17.41
N LEU A 344 8.50 15.55 -17.30
CA LEU A 344 7.88 15.82 -16.01
C LEU A 344 6.82 14.79 -15.64
N GLY A 345 6.56 13.82 -16.50
CA GLY A 345 5.56 12.81 -16.19
C GLY A 345 6.16 11.50 -15.72
N LEU A 346 7.48 11.37 -15.81
CA LEU A 346 8.15 10.12 -15.43
C LEU A 346 9.55 10.43 -14.94
N LYS A 347 9.81 10.10 -13.68
CA LYS A 347 11.14 10.14 -13.09
C LYS A 347 11.57 8.72 -12.74
N TYR A 348 12.87 8.48 -12.75
CA TYR A 348 13.38 7.14 -12.45
C TYR A 348 14.70 7.23 -11.70
N GLY A 349 15.09 6.10 -11.14
CA GLY A 349 16.34 6.00 -10.40
C GLY A 349 16.71 4.56 -10.20
N ILE A 350 17.98 4.34 -9.87
CA ILE A 350 18.54 3.00 -9.70
C ILE A 350 18.85 2.78 -8.24
N CYS A 351 18.47 1.61 -7.72
CA CYS A 351 18.79 1.19 -6.36
C CYS A 351 19.71 -0.02 -6.45
N GLU A 352 20.83 0.03 -5.75
CA GLU A 352 21.80 -1.06 -5.84
C GLU A 352 21.34 -2.32 -5.11
N SER A 353 20.60 -2.16 -4.02
CA SER A 353 20.12 -3.32 -3.27
C SER A 353 18.90 -3.92 -3.96
N ALA A 354 18.98 -5.22 -4.25
CA ALA A 354 17.93 -5.94 -4.95
C ALA A 354 17.13 -6.82 -4.00
N PRO A 355 15.93 -7.23 -4.37
CA PRO A 355 15.22 -8.24 -3.59
C PRO A 355 16.05 -9.51 -3.46
N VAL A 356 15.81 -10.23 -2.36
CA VAL A 356 16.69 -11.34 -1.99
C VAL A 356 16.64 -12.47 -3.01
N ASP A 357 15.49 -12.72 -3.61
CA ASP A 357 15.33 -13.86 -4.52
C ASP A 357 15.58 -13.51 -5.97
N PHE A 358 15.76 -12.24 -6.30
CA PHE A 358 15.89 -11.80 -7.69
C PHE A 358 17.22 -11.09 -7.91
N ASP A 359 17.75 -11.24 -9.12
CA ASP A 359 18.94 -10.49 -9.49
C ASP A 359 18.61 -9.02 -9.75
N LYS A 360 17.46 -8.77 -10.37
CA LYS A 360 17.02 -7.41 -10.68
C LYS A 360 15.53 -7.28 -10.40
N GLU A 361 15.08 -6.04 -10.24
CA GLU A 361 13.67 -5.76 -10.07
C GLU A 361 13.38 -4.35 -10.57
N VAL A 362 12.16 -4.14 -11.04
CA VAL A 362 11.70 -2.82 -11.51
C VAL A 362 10.33 -2.55 -10.90
N THR A 363 10.17 -1.36 -10.32
CA THR A 363 8.92 -0.96 -9.68
C THR A 363 8.43 0.34 -10.29
N LEU A 364 7.12 0.45 -10.49
CA LEU A 364 6.52 1.65 -11.06
C LEU A 364 5.36 2.11 -10.18
N LEU A 365 5.40 3.38 -9.78
CA LEU A 365 4.30 4.05 -9.11
C LEU A 365 3.75 5.10 -10.07
N SER A 366 2.47 4.99 -10.42
CA SER A 366 1.90 5.82 -11.47
C SER A 366 0.61 6.47 -10.99
N ASN A 367 0.54 7.79 -11.13
CA ASN A 367 -0.71 8.54 -10.97
C ASN A 367 -1.36 8.57 -12.35
N ASN A 368 -2.20 7.60 -12.63
CA ASN A 368 -2.75 7.37 -13.96
C ASN A 368 -4.25 7.65 -13.97
N THR A 369 -4.71 8.29 -15.05
CA THR A 369 -6.13 8.61 -15.20
C THR A 369 -6.99 7.36 -15.36
N ILE A 370 -6.39 6.20 -15.57
CA ILE A 370 -7.14 4.96 -15.71
C ILE A 370 -7.78 4.52 -14.40
N ILE A 371 -7.38 5.11 -13.27
CA ILE A 371 -8.03 4.80 -12.00
C ILE A 371 -9.48 5.25 -12.00
N SER A 372 -9.87 6.15 -12.92
CA SER A 372 -11.28 6.50 -13.04
C SER A 372 -12.11 5.30 -13.51
N GLU A 373 -11.51 4.46 -14.35
CA GLU A 373 -12.21 3.26 -14.81
C GLU A 373 -12.37 2.24 -13.70
N VAL A 374 -11.32 2.03 -12.90
CA VAL A 374 -11.43 1.14 -11.75
C VAL A 374 -12.44 1.69 -10.75
N PHE A 375 -12.46 3.00 -10.55
CA PHE A 375 -13.38 3.60 -9.60
C PHE A 375 -14.80 3.66 -10.12
N ASN A 376 -14.98 3.74 -11.45
CA ASN A 376 -16.32 3.77 -12.00
C ASN A 376 -16.99 2.40 -11.91
N ARG A 377 -16.19 1.32 -11.89
CA ARG A 377 -16.76 0.01 -11.64
C ARG A 377 -17.12 -0.18 -10.17
N VAL A 378 -16.41 0.49 -9.26
CA VAL A 378 -16.81 0.52 -7.86
C VAL A 378 -18.09 1.33 -7.71
N LEU A 379 -18.20 2.43 -8.45
CA LEU A 379 -19.41 3.25 -8.39
C LEU A 379 -20.62 2.50 -8.92
N GLU A 380 -20.45 1.73 -10.00
CA GLU A 380 -21.56 0.95 -10.54
C GLU A 380 -22.05 -0.08 -9.53
N ARG A 381 -21.12 -0.74 -8.84
CA ARG A 381 -21.51 -1.72 -7.84
C ARG A 381 -22.07 -1.06 -6.58
N PHE A 382 -21.61 0.16 -6.27
CA PHE A 382 -22.21 0.91 -5.17
C PHE A 382 -23.66 1.25 -5.47
N ASP A 383 -23.92 1.76 -6.68
CA ASP A 383 -25.26 2.18 -7.06
C ASP A 383 -26.19 1.02 -7.37
N SER A 384 -25.65 -0.14 -7.75
CA SER A 384 -26.51 -1.31 -7.98
C SER A 384 -27.18 -1.75 -6.69
N LEU A 385 -26.57 -1.47 -5.54
CA LEU A 385 -27.14 -1.84 -4.26
C LEU A 385 -27.80 -0.69 -3.53
N PHE A 386 -27.29 0.53 -3.69
CA PHE A 386 -27.80 1.65 -2.91
C PHE A 386 -29.13 2.16 -3.46
N ASN A 387 -29.32 2.16 -4.77
CA ASN A 387 -30.57 2.62 -5.34
C ASN A 387 -31.74 1.69 -5.00
N ARG A 388 -31.45 0.48 -4.55
CA ARG A 388 -32.45 -0.46 -4.07
C ARG A 388 -32.52 -0.51 -2.55
N ASP A 389 -31.65 0.23 -1.86
CA ASP A 389 -31.57 0.22 -0.40
C ASP A 389 -31.21 -1.17 0.12
N TRP A 390 -30.28 -1.84 -0.56
CA TRP A 390 -29.85 -3.18 -0.18
C TRP A 390 -28.62 -3.10 0.71
N TYR A 391 -28.62 -3.94 1.76
CA TYR A 391 -27.49 -4.09 2.67
C TYR A 391 -27.12 -2.79 3.37
N THR A 392 -28.11 -1.93 3.65
CA THR A 392 -27.85 -0.62 4.21
C THR A 392 -28.17 -0.52 5.70
N SER A 393 -28.76 -1.57 6.31
CA SER A 393 -29.35 -1.40 7.63
C SER A 393 -28.29 -1.21 8.71
N ASP A 394 -27.18 -1.93 8.63
CA ASP A 394 -26.19 -1.91 9.70
C ASP A 394 -25.29 -0.68 9.67
N TYR A 395 -25.23 0.05 8.55
CA TYR A 395 -24.48 1.30 8.55
C TYR A 395 -25.23 2.39 9.29
N VAL A 396 -26.55 2.48 9.07
CA VAL A 396 -27.37 3.46 9.77
C VAL A 396 -27.42 3.12 11.25
N ASN A 397 -27.48 1.83 11.58
CA ASN A 397 -27.51 1.40 12.98
CA ASN A 397 -27.53 1.44 12.98
C ASN A 397 -26.29 1.88 13.74
N ALA A 398 -25.13 1.88 13.09
CA ALA A 398 -23.87 2.26 13.72
C ALA A 398 -23.55 3.75 13.62
N GLY A 399 -24.40 4.54 12.98
CA GLY A 399 -24.21 5.97 12.92
C GLY A 399 -23.79 6.57 11.59
N THR A 400 -23.83 5.81 10.50
CA THR A 400 -23.54 6.33 9.16
C THR A 400 -24.85 6.36 8.39
N SER A 401 -25.44 7.55 8.27
CA SER A 401 -26.72 7.70 7.60
C SER A 401 -26.61 7.35 6.12
N LYS A 402 -27.76 7.06 5.51
CA LYS A 402 -27.79 6.88 4.06
C LYS A 402 -27.47 8.19 3.35
N SER A 403 -27.73 9.32 4.00
CA SER A 403 -27.26 10.60 3.47
C SER A 403 -25.74 10.68 3.51
N ASN A 404 -25.12 10.16 4.58
CA ASN A 404 -23.67 10.11 4.65
C ASN A 404 -23.10 9.17 3.59
N LEU A 405 -23.80 8.08 3.29
CA LEU A 405 -23.36 7.20 2.22
C LEU A 405 -23.47 7.89 0.86
N LYS A 406 -24.50 8.72 0.67
CA LYS A 406 -24.65 9.42 -0.60
C LYS A 406 -23.55 10.46 -0.78
N GLU A 407 -23.24 11.21 0.28
CA GLU A 407 -22.21 12.24 0.18
C GLU A 407 -20.85 11.64 -0.13
N ALA A 408 -20.56 10.45 0.42
CA ALA A 408 -19.31 9.78 0.10
C ALA A 408 -19.28 9.33 -1.36
N ARG A 409 -20.41 8.82 -1.86
CA ARG A 409 -20.48 8.38 -3.25
C ARG A 409 -20.35 9.55 -4.22
N ASP A 410 -21.03 10.66 -3.93
CA ASP A 410 -20.99 11.80 -4.84
C ASP A 410 -19.62 12.47 -4.85
N ASN A 411 -18.91 12.46 -3.72
CA ASN A 411 -17.54 12.96 -3.73
C ASN A 411 -16.60 11.96 -4.38
N PHE A 412 -16.95 10.67 -4.34
CA PHE A 412 -16.19 9.66 -5.07
C PHE A 412 -16.31 9.87 -6.58
N ASP A 413 -17.49 10.28 -7.05
CA ASP A 413 -17.67 10.54 -8.48
C ASP A 413 -16.95 11.80 -8.92
N ARG A 414 -16.85 12.80 -8.03
CA ARG A 414 -16.12 14.02 -8.36
C ARG A 414 -14.64 13.73 -8.62
N ILE A 415 -14.07 12.79 -7.87
CA ILE A 415 -12.69 12.39 -8.11
C ILE A 415 -12.56 11.71 -9.46
N ILE A 416 -13.53 10.86 -9.82
CA ILE A 416 -13.52 10.20 -11.12
C ILE A 416 -13.58 11.24 -12.24
N LYS A 417 -14.43 12.27 -12.08
CA LYS A 417 -14.56 13.29 -13.10
C LYS A 417 -13.30 14.13 -13.22
N ILE A 418 -12.59 14.36 -12.11
CA ILE A 418 -11.35 15.13 -12.16
C ILE A 418 -10.29 14.36 -12.94
N TYR A 419 -10.14 13.06 -12.68
CA TYR A 419 -9.21 12.24 -13.43
C TYR A 419 -9.58 12.17 -14.90
N LYS A 420 -10.87 12.21 -15.22
CA LYS A 420 -11.30 12.12 -16.61
C LYS A 420 -11.14 13.44 -17.35
N GLU A 421 -11.25 14.58 -16.64
CA GLU A 421 -10.97 15.86 -17.27
C GLU A 421 -9.48 16.00 -17.58
N ILE A 422 -8.62 15.50 -16.68
CA ILE A 422 -7.19 15.51 -16.94
C ILE A 422 -6.85 14.61 -18.12
N GLU A 423 -7.56 13.48 -18.24
CA GLU A 423 -7.33 12.59 -19.38
C GLU A 423 -7.75 13.22 -20.70
N GLY A 424 -8.64 14.22 -20.66
CA GLY A 424 -9.11 14.85 -21.87
C GLY A 424 -10.22 14.11 -22.57
N SER A 425 -10.91 13.21 -21.87
CA SER A 425 -11.96 12.40 -22.48
C SER A 425 -13.33 12.61 -21.83
N GLN A 426 -13.42 13.44 -20.80
CA GLN A 426 -14.69 13.71 -20.14
C GLN A 426 -14.57 14.92 -19.23
#